data_4XDH
#
_entry.id   4XDH
#
_cell.length_a   56.510
_cell.length_b   84.030
_cell.length_c   106.420
_cell.angle_alpha   90.00
_cell.angle_beta   90.00
_cell.angle_gamma   90.00
#
_symmetry.space_group_name_H-M   'P 21 21 21'
#
loop_
_entity.id
_entity.type
_entity.pdbx_description
1 polymer 'Ribosyldihydronicotinamide dehydrogenase [quinone]'
2 non-polymer 'ZINC ION'
3 non-polymer 'FLAVIN-ADENINE DINUCLEOTIDE'
4 non-polymer 5-methoxy-2-(4-methoxyphenyl)-3H-indol-3-one
5 non-polymer 'SULFATE ION'
6 water water
#
_entity_poly.entity_id   1
_entity_poly.type   'polypeptide(L)'
_entity_poly.pdbx_seq_one_letter_code
;MAGKKVLIVYAHQEPKSFNGSLKNVAVDELSRQGCTVTVSDLYAMNFEPRATDKDITGTLSNPEVFNYGVETHEAYKQRS
LASDITDEQKKVREADLVIFQFPLYWFSVPAILKGWMDRVLCQGFAFDIPGFYDSGLLQGKLALLSVTTGGTAEMYTKTG
VNGDSRYFLWPLQHGTLHFCGFKVLAPQISFAPEIASEEERKGMVAAWSQRLQTIWKEEPIPCTAHWHFGQ
;
_entity_poly.pdbx_strand_id   A,B
#
# COMPACT_ATOMS: atom_id res chain seq x y z
N GLY A 3 -6.84 26.97 -19.91
CA GLY A 3 -7.62 25.75 -19.68
C GLY A 3 -6.90 24.76 -18.79
N LYS A 4 -7.64 24.08 -17.89
CA LYS A 4 -7.06 23.14 -16.92
C LYS A 4 -7.76 21.78 -16.91
N LYS A 5 -6.97 20.70 -16.91
CA LYS A 5 -7.52 19.33 -16.94
C LYS A 5 -7.23 18.64 -15.61
N VAL A 6 -8.28 18.07 -15.02
CA VAL A 6 -8.20 17.39 -13.74
C VAL A 6 -8.67 15.93 -13.84
N LEU A 7 -7.86 15.03 -13.31
CA LEU A 7 -8.26 13.63 -13.14
C LEU A 7 -8.45 13.38 -11.64
N ILE A 8 -9.61 12.83 -11.25
CA ILE A 8 -9.86 12.43 -9.87
C ILE A 8 -9.85 10.89 -9.82
N VAL A 9 -8.90 10.31 -9.10
CA VAL A 9 -8.82 8.84 -8.91
C VAL A 9 -9.47 8.63 -7.55
N TYR A 10 -10.66 8.04 -7.58
CA TYR A 10 -11.53 7.86 -6.43
C TYR A 10 -11.61 6.41 -5.98
N ALA A 11 -11.40 6.15 -4.66
CA ALA A 11 -11.42 4.78 -4.14
C ALA A 11 -12.32 4.59 -2.92
N HIS A 12 -13.64 4.55 -3.15
CA HIS A 12 -14.61 4.28 -2.08
C HIS A 12 -15.79 3.53 -2.70
N GLN A 13 -16.25 2.51 -1.98
CA GLN A 13 -17.33 1.59 -2.39
C GLN A 13 -18.73 2.25 -2.37
N GLU A 14 -18.90 3.29 -1.53
CA GLU A 14 -20.22 3.89 -1.28
C GLU A 14 -20.38 5.35 -1.76
N PRO A 15 -21.30 5.60 -2.73
CA PRO A 15 -21.53 6.98 -3.19
C PRO A 15 -22.01 7.97 -2.11
N LYS A 16 -22.73 7.49 -1.07
CA LYS A 16 -23.23 8.36 0.02
C LYS A 16 -22.19 8.57 1.14
N SER A 17 -20.98 8.03 0.97
CA SER A 17 -19.91 8.16 1.97
C SER A 17 -19.35 9.57 2.05
N PHE A 18 -18.56 9.83 3.10
CA PHE A 18 -17.89 11.12 3.28
C PHE A 18 -16.88 11.31 2.10
N ASN A 19 -16.20 10.21 1.68
CA ASN A 19 -15.30 10.24 0.52
C ASN A 19 -16.07 10.60 -0.73
N GLY A 20 -17.25 10.00 -0.91
CA GLY A 20 -18.15 10.30 -2.02
C GLY A 20 -18.50 11.77 -2.11
N SER A 21 -18.83 12.40 -0.95
CA SER A 21 -19.16 13.82 -0.85
C SER A 21 -17.96 14.69 -1.20
N LEU A 22 -16.74 14.29 -0.77
CA LEU A 22 -15.52 15.05 -1.09
C LEU A 22 -15.23 15.00 -2.58
N LYS A 23 -15.41 13.82 -3.21
CA LYS A 23 -15.24 13.65 -4.67
C LYS A 23 -16.28 14.50 -5.43
N ASN A 24 -17.56 14.46 -5.01
CA ASN A 24 -18.64 15.23 -5.64
C ASN A 24 -18.45 16.72 -5.54
N VAL A 25 -17.93 17.21 -4.40
CA VAL A 25 -17.68 18.63 -4.18
C VAL A 25 -16.51 19.09 -5.07
N ALA A 26 -15.53 18.19 -5.28
CA ALA A 26 -14.36 18.44 -6.15
C ALA A 26 -14.84 18.56 -7.60
N VAL A 27 -15.68 17.60 -8.06
CA VAL A 27 -16.27 17.62 -9.41
C VAL A 27 -17.06 18.93 -9.57
N ASP A 28 -17.95 19.26 -8.61
CA ASP A 28 -18.79 20.47 -8.67
C ASP A 28 -17.96 21.75 -8.79
N GLU A 29 -16.97 21.93 -7.89
CA GLU A 29 -16.13 23.14 -7.82
C GLU A 29 -15.24 23.32 -9.05
N LEU A 30 -14.54 22.27 -9.46
CA LEU A 30 -13.67 22.31 -10.63
C LEU A 30 -14.46 22.48 -11.93
N SER A 31 -15.64 21.85 -12.02
CA SER A 31 -16.56 21.99 -13.16
C SER A 31 -17.07 23.44 -13.23
N ARG A 32 -17.48 24.03 -12.07
CA ARG A 32 -17.92 25.44 -11.95
C ARG A 32 -16.85 26.38 -12.50
N GLN A 33 -15.58 26.13 -12.19
CA GLN A 33 -14.43 26.94 -12.63
C GLN A 33 -14.17 26.86 -14.14
N GLY A 34 -14.75 25.85 -14.78
CA GLY A 34 -14.56 25.61 -16.21
C GLY A 34 -13.48 24.60 -16.53
N CYS A 35 -12.97 23.88 -15.51
CA CYS A 35 -11.96 22.82 -15.71
C CYS A 35 -12.56 21.64 -16.44
N THR A 36 -11.72 20.91 -17.17
CA THR A 36 -12.08 19.64 -17.81
C THR A 36 -11.87 18.59 -16.69
N VAL A 37 -12.92 17.86 -16.31
CA VAL A 37 -12.84 16.92 -15.19
C VAL A 37 -13.17 15.48 -15.62
N THR A 38 -12.37 14.53 -15.14
CA THR A 38 -12.59 13.10 -15.37
C THR A 38 -12.45 12.41 -14.01
N VAL A 39 -13.32 11.41 -13.75
CA VAL A 39 -13.26 10.64 -12.51
C VAL A 39 -13.03 9.19 -12.84
N SER A 40 -12.02 8.57 -12.21
CA SER A 40 -11.82 7.12 -12.34
C SER A 40 -12.32 6.55 -11.02
N ASP A 41 -13.58 6.04 -11.03
CA ASP A 41 -14.24 5.48 -9.84
C ASP A 41 -13.86 3.99 -9.82
N LEU A 42 -12.74 3.67 -9.15
CA LEU A 42 -12.13 2.34 -9.15
C LEU A 42 -13.06 1.20 -8.79
N TYR A 43 -13.85 1.32 -7.70
CA TYR A 43 -14.76 0.25 -7.33
C TYR A 43 -15.88 0.04 -8.35
N ALA A 44 -16.44 1.15 -8.89
CA ALA A 44 -17.52 1.07 -9.90
C ALA A 44 -16.99 0.47 -11.21
N MET A 45 -15.71 0.70 -11.52
CA MET A 45 -15.07 0.14 -12.71
C MET A 45 -14.62 -1.33 -12.46
N ASN A 46 -14.71 -1.82 -11.19
CA ASN A 46 -14.18 -3.13 -10.74
C ASN A 46 -12.70 -3.24 -11.22
N PHE A 47 -11.95 -2.13 -11.05
CA PHE A 47 -10.54 -2.00 -11.44
C PHE A 47 -9.70 -3.15 -10.91
N GLU A 48 -8.96 -3.81 -11.82
CA GLU A 48 -8.08 -4.92 -11.50
C GLU A 48 -6.85 -4.42 -10.71
N PRO A 49 -6.65 -4.79 -9.45
CA PRO A 49 -5.46 -4.31 -8.74
C PRO A 49 -4.22 -5.21 -8.90
N ARG A 50 -4.39 -6.49 -9.29
CA ARG A 50 -3.25 -7.41 -9.32
C ARG A 50 -2.33 -7.19 -10.51
N ALA A 51 -1.02 -7.14 -10.26
CA ALA A 51 0.00 -7.01 -11.31
C ALA A 51 0.26 -8.43 -11.86
N THR A 52 -0.34 -8.77 -13.02
CA THR A 52 -0.20 -10.14 -13.57
C THR A 52 0.18 -10.11 -15.05
N ASP A 53 0.47 -11.31 -15.62
CA ASP A 53 0.76 -11.52 -17.05
C ASP A 53 -0.41 -11.12 -17.97
N LYS A 54 -1.62 -10.96 -17.40
CA LYS A 54 -2.81 -10.52 -18.15
C LYS A 54 -2.66 -9.05 -18.57
N ASP A 55 -1.71 -8.31 -17.95
CA ASP A 55 -1.51 -6.89 -18.25
C ASP A 55 -0.80 -6.65 -19.59
N ILE A 56 -0.29 -7.72 -20.21
CA ILE A 56 0.39 -7.70 -21.51
C ILE A 56 -0.45 -8.52 -22.49
N THR A 57 -0.73 -7.94 -23.67
CA THR A 57 -1.48 -8.57 -24.76
C THR A 57 -0.47 -9.17 -25.73
N GLY A 58 -0.87 -10.24 -26.44
CA GLY A 58 0.02 -10.90 -27.38
C GLY A 58 1.09 -11.72 -26.70
N THR A 59 2.31 -11.73 -27.26
CA THR A 59 3.44 -12.51 -26.74
C THR A 59 4.38 -11.69 -25.82
N LEU A 60 5.02 -12.39 -24.85
CA LEU A 60 5.91 -11.91 -23.80
C LEU A 60 7.36 -11.85 -24.25
N SER A 61 8.11 -10.88 -23.70
CA SER A 61 9.53 -10.67 -23.99
C SER A 61 10.33 -11.90 -23.58
N ASN A 62 9.96 -12.55 -22.44
CA ASN A 62 10.56 -13.77 -21.91
C ASN A 62 9.43 -14.64 -21.32
N PRO A 63 8.76 -15.49 -22.13
CA PRO A 63 7.64 -16.28 -21.61
C PRO A 63 8.00 -17.45 -20.67
N GLU A 64 9.30 -17.73 -20.45
CA GLU A 64 9.76 -18.79 -19.56
C GLU A 64 9.87 -18.30 -18.10
N VAL A 65 10.38 -17.08 -17.91
CA VAL A 65 10.55 -16.44 -16.60
C VAL A 65 9.84 -15.08 -16.67
N PHE A 66 8.68 -14.98 -15.98
CA PHE A 66 7.88 -13.77 -15.98
C PHE A 66 8.41 -12.71 -15.02
N ASN A 67 8.83 -11.56 -15.56
CA ASN A 67 9.32 -10.41 -14.78
C ASN A 67 8.35 -9.28 -15.10
N TYR A 68 7.46 -8.93 -14.15
CA TYR A 68 6.41 -7.93 -14.34
C TYR A 68 6.91 -6.58 -14.85
N GLY A 69 7.91 -5.99 -14.19
CA GLY A 69 8.47 -4.70 -14.57
C GLY A 69 9.07 -4.69 -15.97
N VAL A 70 9.80 -5.77 -16.33
CA VAL A 70 10.41 -5.89 -17.66
C VAL A 70 9.33 -6.02 -18.74
N GLU A 71 8.35 -6.90 -18.49
CA GLU A 71 7.26 -7.18 -19.43
C GLU A 71 6.37 -5.97 -19.68
N THR A 72 6.02 -5.22 -18.63
CA THR A 72 5.16 -4.05 -18.78
C THR A 72 5.90 -2.89 -19.44
N HIS A 73 7.21 -2.74 -19.15
CA HIS A 73 8.07 -1.73 -19.75
C HIS A 73 8.11 -1.96 -21.28
N GLU A 74 8.39 -3.21 -21.69
CA GLU A 74 8.46 -3.60 -23.10
C GLU A 74 7.09 -3.47 -23.79
N ALA A 75 5.99 -3.90 -23.10
CA ALA A 75 4.63 -3.80 -23.65
C ALA A 75 4.22 -2.33 -23.77
N TYR A 76 4.69 -1.46 -22.87
CA TYR A 76 4.38 -0.03 -22.99
C TYR A 76 5.00 0.51 -24.29
N LYS A 77 6.30 0.23 -24.50
CA LYS A 77 7.03 0.69 -25.68
C LYS A 77 6.46 0.13 -27.00
N GLN A 78 6.00 -1.14 -26.97
CA GLN A 78 5.45 -1.83 -28.13
C GLN A 78 3.93 -1.73 -28.24
N ARG A 79 3.31 -0.84 -27.44
CA ARG A 79 1.86 -0.55 -27.37
C ARG A 79 1.03 -1.85 -27.23
N SER A 80 1.48 -2.76 -26.35
CA SER A 80 0.86 -4.05 -26.05
C SER A 80 0.31 -4.19 -24.61
N LEU A 81 0.08 -3.07 -23.90
CA LEU A 81 -0.50 -3.14 -22.55
C LEU A 81 -2.01 -3.39 -22.62
N ALA A 82 -2.60 -4.01 -21.54
CA ALA A 82 -4.05 -4.23 -21.44
C ALA A 82 -4.77 -2.86 -21.53
N SER A 83 -5.93 -2.82 -22.20
CA SER A 83 -6.66 -1.57 -22.44
C SER A 83 -7.09 -0.84 -21.15
N ASP A 84 -7.36 -1.55 -20.04
CA ASP A 84 -7.72 -0.90 -18.76
C ASP A 84 -6.54 -0.01 -18.26
N ILE A 85 -5.29 -0.47 -18.47
CA ILE A 85 -4.09 0.30 -18.11
C ILE A 85 -3.92 1.53 -19.02
N THR A 86 -3.95 1.31 -20.35
CA THR A 86 -3.76 2.41 -21.30
C THR A 86 -4.87 3.46 -21.22
N ASP A 87 -6.12 3.08 -20.85
CA ASP A 87 -7.22 4.04 -20.65
C ASP A 87 -6.86 4.97 -19.49
N GLU A 88 -6.30 4.43 -18.38
CA GLU A 88 -5.87 5.25 -17.24
C GLU A 88 -4.68 6.15 -17.61
N GLN A 89 -3.71 5.61 -18.37
CA GLN A 89 -2.52 6.35 -18.80
C GLN A 89 -2.90 7.56 -19.66
N LYS A 90 -3.90 7.39 -20.53
CA LYS A 90 -4.41 8.50 -21.36
C LYS A 90 -5.02 9.59 -20.47
N LYS A 91 -5.77 9.22 -19.40
CA LYS A 91 -6.36 10.19 -18.46
C LYS A 91 -5.25 10.95 -17.70
N VAL A 92 -4.19 10.25 -17.29
CA VAL A 92 -3.04 10.84 -16.58
C VAL A 92 -2.27 11.79 -17.50
N ARG A 93 -1.98 11.34 -18.75
CA ARG A 93 -1.22 12.11 -19.75
C ARG A 93 -1.91 13.47 -20.04
N GLU A 94 -3.24 13.45 -20.13
CA GLU A 94 -4.03 14.65 -20.38
C GLU A 94 -4.18 15.58 -19.16
N ALA A 95 -4.13 15.02 -17.95
CA ALA A 95 -4.32 15.80 -16.72
C ALA A 95 -3.18 16.78 -16.38
N ASP A 96 -3.56 17.95 -15.84
CA ASP A 96 -2.62 18.96 -15.32
C ASP A 96 -2.52 18.70 -13.81
N LEU A 97 -3.62 18.17 -13.23
CA LEU A 97 -3.72 17.84 -11.81
C LEU A 97 -4.40 16.48 -11.62
N VAL A 98 -3.82 15.65 -10.77
CA VAL A 98 -4.38 14.36 -10.39
C VAL A 98 -4.69 14.41 -8.89
N ILE A 99 -5.98 14.28 -8.54
CA ILE A 99 -6.42 14.24 -7.16
C ILE A 99 -6.71 12.77 -6.84
N PHE A 100 -6.19 12.29 -5.71
CA PHE A 100 -6.47 10.93 -5.22
C PHE A 100 -7.39 11.11 -4.03
N GLN A 101 -8.61 10.60 -4.12
CA GLN A 101 -9.62 10.70 -3.05
C GLN A 101 -9.82 9.30 -2.46
N PHE A 102 -9.43 9.13 -1.19
CA PHE A 102 -9.51 7.80 -0.58
C PHE A 102 -9.56 7.79 0.95
N PRO A 103 -10.19 6.74 1.54
CA PRO A 103 -10.03 6.55 3.01
C PRO A 103 -8.66 5.91 3.26
N LEU A 104 -8.02 6.28 4.37
CA LEU A 104 -6.74 5.70 4.74
C LEU A 104 -6.97 4.23 5.15
N TYR A 105 -6.25 3.29 4.54
CA TYR A 105 -6.33 1.87 4.87
C TYR A 105 -4.91 1.46 5.25
N TRP A 106 -4.72 1.07 6.52
CA TRP A 106 -3.42 0.63 7.02
C TRP A 106 -2.29 1.64 6.70
N PHE A 107 -2.53 2.93 7.05
CA PHE A 107 -1.59 4.06 6.88
C PHE A 107 -1.19 4.20 5.39
N SER A 108 -2.06 3.75 4.48
CA SER A 108 -1.79 3.78 3.05
C SER A 108 -3.10 3.88 2.24
N VAL A 109 -3.01 3.62 0.95
CA VAL A 109 -4.16 3.65 0.06
C VAL A 109 -4.87 2.28 0.12
N PRO A 110 -6.19 2.22 -0.10
CA PRO A 110 -6.86 0.90 -0.25
C PRO A 110 -6.17 0.13 -1.39
N ALA A 111 -6.14 -1.21 -1.30
CA ALA A 111 -5.48 -2.06 -2.31
C ALA A 111 -5.89 -1.80 -3.75
N ILE A 112 -7.17 -1.46 -4.00
CA ILE A 112 -7.67 -1.17 -5.36
C ILE A 112 -6.89 0.04 -5.97
N LEU A 113 -6.62 1.05 -5.14
CA LEU A 113 -5.85 2.23 -5.53
C LEU A 113 -4.36 1.91 -5.57
N LYS A 114 -3.87 1.04 -4.66
CA LYS A 114 -2.46 0.60 -4.73
C LYS A 114 -2.23 -0.09 -6.09
N GLY A 115 -3.23 -0.86 -6.56
CA GLY A 115 -3.20 -1.56 -7.83
C GLY A 115 -3.16 -0.62 -9.01
N TRP A 116 -3.91 0.49 -8.92
CA TRP A 116 -3.89 1.54 -9.93
C TRP A 116 -2.45 2.08 -10.02
N MET A 117 -1.83 2.40 -8.87
CA MET A 117 -0.45 2.90 -8.88
C MET A 117 0.53 1.88 -9.48
N ASP A 118 0.46 0.62 -9.02
CA ASP A 118 1.32 -0.48 -9.49
C ASP A 118 1.25 -0.74 -11.00
N ARG A 119 0.04 -0.73 -11.56
CA ARG A 119 -0.20 -1.08 -12.96
C ARG A 119 -0.19 0.11 -13.94
N VAL A 120 -0.72 1.28 -13.53
CA VAL A 120 -0.80 2.46 -14.41
C VAL A 120 0.56 3.19 -14.54
N LEU A 121 1.27 3.36 -13.41
CA LEU A 121 2.55 4.08 -13.36
C LEU A 121 3.74 3.19 -13.76
N CYS A 122 3.69 2.64 -14.98
CA CYS A 122 4.73 1.71 -15.43
C CYS A 122 5.97 2.40 -15.96
N GLN A 123 7.05 1.62 -16.01
CA GLN A 123 8.31 2.05 -16.58
C GLN A 123 8.08 2.33 -18.06
N GLY A 124 8.60 3.47 -18.51
CA GLY A 124 8.43 3.97 -19.87
C GLY A 124 7.35 5.04 -19.94
N PHE A 125 6.32 4.92 -19.08
CA PHE A 125 5.22 5.88 -19.01
C PHE A 125 5.45 6.95 -17.93
N ALA A 126 5.62 6.52 -16.67
CA ALA A 126 5.74 7.42 -15.53
C ALA A 126 7.18 7.73 -15.10
N PHE A 127 8.12 6.85 -15.44
CA PHE A 127 9.54 6.94 -15.08
C PHE A 127 10.34 5.98 -15.98
N ASP A 128 11.66 6.12 -16.00
CA ASP A 128 12.54 5.19 -16.69
C ASP A 128 13.65 4.76 -15.70
N ILE A 129 14.40 3.66 -15.98
CA ILE A 129 15.51 3.25 -15.10
C ILE A 129 16.86 3.36 -15.86
N PRO A 130 17.56 4.52 -15.83
CA PRO A 130 17.19 5.83 -15.25
C PRO A 130 16.28 6.59 -16.26
N GLY A 131 15.54 7.64 -15.88
CA GLY A 131 15.51 8.35 -14.61
C GLY A 131 14.14 8.62 -14.03
N PHE A 132 14.17 9.27 -12.85
CA PHE A 132 13.07 9.54 -11.94
C PHE A 132 13.24 10.85 -11.12
N TYR A 133 12.37 11.05 -10.10
CA TYR A 133 12.30 12.23 -9.21
C TYR A 133 12.19 13.51 -10.04
N ASP A 134 13.23 14.36 -10.09
CA ASP A 134 13.15 15.56 -10.93
C ASP A 134 13.23 15.24 -12.44
N SER A 135 13.82 14.06 -12.79
CA SER A 135 13.89 13.54 -14.16
C SER A 135 12.67 12.60 -14.50
N GLY A 136 11.64 12.60 -13.63
CA GLY A 136 10.42 11.78 -13.79
C GLY A 136 9.59 12.19 -14.99
N LEU A 137 9.04 11.20 -15.73
CA LEU A 137 8.33 11.44 -17.00
C LEU A 137 7.01 12.21 -16.87
N LEU A 138 6.48 12.34 -15.65
CA LEU A 138 5.24 13.08 -15.45
C LEU A 138 5.50 14.52 -14.95
N GLN A 139 6.75 15.02 -15.15
CA GLN A 139 7.17 16.39 -14.78
C GLN A 139 6.23 17.42 -15.39
N GLY A 140 5.91 18.43 -14.60
CA GLY A 140 4.97 19.47 -15.00
C GLY A 140 3.57 19.25 -14.44
N LYS A 141 3.25 18.01 -14.04
CA LYS A 141 1.93 17.67 -13.49
C LYS A 141 1.89 17.87 -11.99
N LEU A 142 0.70 18.17 -11.48
CA LEU A 142 0.46 18.32 -10.05
C LEU A 142 -0.32 17.11 -9.54
N ALA A 143 -0.05 16.71 -8.29
CA ALA A 143 -0.78 15.63 -7.63
C ALA A 143 -1.14 16.11 -6.25
N LEU A 144 -2.26 15.62 -5.74
CA LEU A 144 -2.80 15.99 -4.44
C LEU A 144 -3.48 14.78 -3.83
N LEU A 145 -3.14 14.47 -2.57
CA LEU A 145 -3.77 13.38 -1.81
C LEU A 145 -4.88 13.95 -0.91
N SER A 146 -6.10 13.51 -1.12
CA SER A 146 -7.23 13.91 -0.29
C SER A 146 -7.64 12.63 0.47
N VAL A 147 -7.28 12.58 1.75
CA VAL A 147 -7.43 11.38 2.55
C VAL A 147 -8.31 11.63 3.78
N THR A 148 -9.12 10.62 4.13
CA THR A 148 -9.97 10.61 5.31
C THR A 148 -9.41 9.55 6.25
N THR A 149 -9.53 9.76 7.57
CA THR A 149 -9.01 8.79 8.53
C THR A 149 -10.08 8.31 9.52
N GLY A 150 -9.78 7.20 10.21
CA GLY A 150 -10.58 6.72 11.32
C GLY A 150 -10.08 7.42 12.57
N GLY A 151 -8.74 7.52 12.69
CA GLY A 151 -8.04 8.16 13.79
C GLY A 151 -8.20 9.67 13.85
N THR A 152 -8.20 10.23 15.07
CA THR A 152 -8.33 11.68 15.25
C THR A 152 -7.01 12.39 14.93
N ALA A 153 -7.08 13.72 14.76
CA ALA A 153 -5.93 14.59 14.51
C ALA A 153 -4.86 14.44 15.62
N GLU A 154 -5.31 14.39 16.89
CA GLU A 154 -4.47 14.21 18.09
C GLU A 154 -3.63 12.91 18.04
N MET A 155 -4.22 11.81 17.50
CA MET A 155 -3.51 10.53 17.35
C MET A 155 -2.40 10.64 16.32
N TYR A 156 -2.63 11.51 15.29
CA TYR A 156 -1.70 11.76 14.19
C TYR A 156 -0.77 12.95 14.46
N THR A 157 -0.19 12.99 15.66
CA THR A 157 0.77 14.03 16.06
C THR A 157 2.07 13.31 16.40
N LYS A 158 3.20 14.04 16.41
CA LYS A 158 4.53 13.52 16.71
C LYS A 158 4.53 12.66 18.00
N THR A 159 3.81 13.12 19.03
CA THR A 159 3.70 12.41 20.32
C THR A 159 2.45 11.53 20.42
N GLY A 160 1.62 11.54 19.37
CA GLY A 160 0.42 10.72 19.28
C GLY A 160 0.78 9.27 19.03
N VAL A 161 -0.16 8.34 19.30
CA VAL A 161 0.07 6.90 19.14
C VAL A 161 0.39 6.51 17.66
N ASN A 162 -0.17 7.25 16.69
CA ASN A 162 0.01 6.99 15.25
C ASN A 162 1.20 7.71 14.63
N GLY A 163 1.81 8.64 15.38
CA GLY A 163 2.89 9.47 14.87
C GLY A 163 2.31 10.55 13.96
N ASP A 164 3.16 11.50 13.52
CA ASP A 164 2.73 12.60 12.63
C ASP A 164 2.09 12.06 11.33
N SER A 165 1.00 12.69 10.85
CA SER A 165 0.37 12.26 9.60
C SER A 165 1.34 12.30 8.40
N ARG A 166 2.35 13.22 8.41
CA ARG A 166 3.38 13.31 7.36
C ARG A 166 4.23 12.02 7.24
N TYR A 167 4.35 11.27 8.34
CA TYR A 167 5.11 10.01 8.33
C TYR A 167 4.50 9.00 7.35
N PHE A 168 3.16 8.83 7.32
CA PHE A 168 2.55 7.84 6.42
C PHE A 168 2.48 8.37 4.97
N LEU A 169 2.66 9.67 4.76
CA LEU A 169 2.59 10.26 3.43
C LEU A 169 3.83 9.99 2.58
N TRP A 170 4.99 9.67 3.22
CA TRP A 170 6.28 9.44 2.55
C TRP A 170 6.24 8.44 1.37
N PRO A 171 5.76 7.17 1.51
CA PRO A 171 5.73 6.28 0.34
C PRO A 171 4.87 6.78 -0.83
N LEU A 172 3.76 7.47 -0.53
CA LEU A 172 2.84 7.98 -1.56
C LEU A 172 3.38 9.26 -2.20
N GLN A 173 3.67 10.27 -1.38
CA GLN A 173 4.13 11.57 -1.88
C GLN A 173 5.52 11.50 -2.51
N HIS A 174 6.49 10.88 -1.81
CA HIS A 174 7.88 10.83 -2.28
C HIS A 174 8.20 9.61 -3.13
N GLY A 175 7.99 8.42 -2.57
CA GLY A 175 8.28 7.16 -3.24
C GLY A 175 7.50 6.94 -4.53
N THR A 176 6.29 7.52 -4.61
CA THR A 176 5.46 7.33 -5.81
C THR A 176 5.34 8.60 -6.67
N LEU A 177 4.64 9.61 -6.16
CA LEU A 177 4.34 10.83 -6.92
C LEU A 177 5.57 11.65 -7.30
N HIS A 178 6.44 11.98 -6.34
CA HIS A 178 7.67 12.73 -6.64
C HIS A 178 8.57 11.92 -7.58
N PHE A 179 8.66 10.59 -7.36
CA PHE A 179 9.47 9.68 -8.17
C PHE A 179 9.09 9.75 -9.65
N CYS A 180 7.80 9.84 -9.93
CA CYS A 180 7.28 9.96 -11.30
C CYS A 180 7.40 11.38 -11.88
N GLY A 181 7.90 12.33 -11.09
CA GLY A 181 8.07 13.69 -11.54
C GLY A 181 6.97 14.67 -11.20
N PHE A 182 5.93 14.22 -10.46
CA PHE A 182 4.86 15.13 -10.07
C PHE A 182 5.38 16.14 -9.05
N LYS A 183 4.78 17.34 -9.08
CA LYS A 183 4.95 18.35 -8.06
C LYS A 183 3.77 18.02 -7.15
N VAL A 184 4.02 17.91 -5.85
CA VAL A 184 3.01 17.50 -4.88
C VAL A 184 2.43 18.69 -4.13
N LEU A 185 1.10 18.86 -4.20
CA LEU A 185 0.42 19.90 -3.43
C LEU A 185 0.18 19.38 -2.02
N ALA A 186 0.06 20.29 -1.04
CA ALA A 186 -0.19 19.94 0.37
C ALA A 186 -1.40 19.00 0.47
N PRO A 187 -1.29 17.91 1.25
CA PRO A 187 -2.41 16.95 1.32
C PRO A 187 -3.64 17.56 1.99
N GLN A 188 -4.80 17.04 1.64
CA GLN A 188 -6.03 17.43 2.31
C GLN A 188 -6.33 16.26 3.25
N ILE A 189 -6.28 16.48 4.56
CA ILE A 189 -6.58 15.40 5.49
C ILE A 189 -7.84 15.72 6.26
N SER A 190 -8.88 14.89 6.07
CA SER A 190 -10.15 15.03 6.78
C SER A 190 -10.16 14.00 7.91
N PHE A 191 -9.77 14.43 9.13
CA PHE A 191 -9.66 13.52 10.29
C PHE A 191 -10.98 13.07 10.87
N ALA A 192 -11.09 11.76 11.10
CA ALA A 192 -12.19 11.08 11.78
C ALA A 192 -13.61 11.62 11.47
N PRO A 193 -14.09 11.61 10.20
CA PRO A 193 -15.47 12.08 9.94
C PRO A 193 -16.54 11.23 10.64
N GLU A 194 -16.27 9.93 10.90
CA GLU A 194 -17.21 9.03 11.57
C GLU A 194 -17.54 9.46 13.01
N ILE A 195 -16.57 10.10 13.71
CA ILE A 195 -16.70 10.63 15.08
C ILE A 195 -17.33 12.02 15.06
N ALA A 196 -16.91 12.86 14.09
CA ALA A 196 -17.37 14.25 13.93
C ALA A 196 -18.89 14.42 13.83
N SER A 197 -19.40 15.56 14.31
CA SER A 197 -20.83 15.88 14.23
C SER A 197 -21.20 16.21 12.77
N GLU A 198 -22.53 16.30 12.48
CA GLU A 198 -23.05 16.64 11.15
C GLU A 198 -22.51 18.01 10.70
N GLU A 199 -22.43 18.99 11.64
CA GLU A 199 -21.92 20.35 11.43
C GLU A 199 -20.41 20.32 11.09
N GLU A 200 -19.62 19.56 11.87
CA GLU A 200 -18.16 19.44 11.65
C GLU A 200 -17.82 18.79 10.30
N ARG A 201 -18.62 17.79 9.89
CA ARG A 201 -18.52 17.04 8.63
C ARG A 201 -18.85 17.95 7.45
N LYS A 202 -19.90 18.79 7.58
CA LYS A 202 -20.28 19.75 6.54
C LYS A 202 -19.16 20.78 6.40
N GLY A 203 -18.58 21.19 7.54
CA GLY A 203 -17.46 22.11 7.63
C GLY A 203 -16.19 21.56 6.99
N MET A 204 -15.97 20.23 7.06
CA MET A 204 -14.82 19.60 6.42
C MET A 204 -14.96 19.56 4.88
N VAL A 205 -16.18 19.27 4.36
CA VAL A 205 -16.38 19.24 2.91
C VAL A 205 -16.36 20.71 2.38
N ALA A 206 -16.86 21.69 3.17
CA ALA A 206 -16.82 23.12 2.78
C ALA A 206 -15.38 23.65 2.72
N ALA A 207 -14.51 23.20 3.66
CA ALA A 207 -13.09 23.57 3.65
C ALA A 207 -12.39 23.04 2.38
N TRP A 208 -12.75 21.82 1.94
CA TRP A 208 -12.23 21.20 0.73
C TRP A 208 -12.70 21.97 -0.52
N SER A 209 -14.01 22.31 -0.60
CA SER A 209 -14.59 23.09 -1.70
C SER A 209 -13.94 24.47 -1.77
N GLN A 210 -13.77 25.14 -0.60
CA GLN A 210 -13.14 26.46 -0.48
C GLN A 210 -11.68 26.41 -0.93
N ARG A 211 -10.91 25.38 -0.51
CA ARG A 211 -9.53 25.22 -0.94
C ARG A 211 -9.43 25.06 -2.48
N LEU A 212 -10.33 24.25 -3.07
CA LEU A 212 -10.34 24.03 -4.51
C LEU A 212 -10.55 25.30 -5.34
N GLN A 213 -11.22 26.32 -4.74
CA GLN A 213 -11.43 27.61 -5.40
C GLN A 213 -10.10 28.27 -5.80
N THR A 214 -9.04 28.08 -5.00
CA THR A 214 -7.73 28.70 -5.28
C THR A 214 -6.60 27.66 -5.51
N ILE A 215 -6.96 26.41 -5.87
CA ILE A 215 -6.00 25.29 -6.08
C ILE A 215 -4.91 25.62 -7.12
N TRP A 216 -5.25 26.40 -8.16
CA TRP A 216 -4.33 26.75 -9.24
C TRP A 216 -3.31 27.83 -8.83
N LYS A 217 -3.49 28.43 -7.64
CA LYS A 217 -2.61 29.47 -7.10
C LYS A 217 -1.62 28.88 -6.09
N GLU A 218 -1.80 27.60 -5.75
CA GLU A 218 -0.95 26.95 -4.76
C GLU A 218 0.44 26.61 -5.24
N GLU A 219 1.40 26.70 -4.34
CA GLU A 219 2.75 26.26 -4.60
C GLU A 219 2.87 24.80 -4.08
N PRO A 220 3.64 23.94 -4.75
CA PRO A 220 3.83 22.57 -4.24
C PRO A 220 4.69 22.56 -2.98
N ILE A 221 4.59 21.48 -2.19
CA ILE A 221 5.41 21.32 -0.98
C ILE A 221 6.84 20.96 -1.39
N PRO A 222 7.88 21.23 -0.55
CA PRO A 222 9.20 20.68 -0.87
C PRO A 222 9.11 19.20 -0.47
N CYS A 223 8.98 18.29 -1.44
CA CYS A 223 8.80 16.87 -1.14
C CYS A 223 10.14 16.19 -0.77
N THR A 224 10.59 16.48 0.46
CA THR A 224 11.87 16.04 0.97
C THR A 224 11.72 15.28 2.27
N ALA A 225 12.79 14.60 2.72
CA ALA A 225 12.81 13.91 4.01
C ALA A 225 12.58 14.93 5.14
N HIS A 226 13.13 16.15 5.00
CA HIS A 226 12.96 17.21 6.01
C HIS A 226 11.49 17.61 6.19
N TRP A 227 10.74 17.81 5.09
CA TRP A 227 9.33 18.15 5.18
C TRP A 227 8.53 17.05 5.91
N HIS A 228 8.77 15.76 5.58
CA HIS A 228 8.04 14.63 6.16
C HIS A 228 8.42 14.27 7.60
N PHE A 229 9.70 14.40 7.96
CA PHE A 229 10.17 13.92 9.26
C PHE A 229 10.84 14.95 10.18
N GLY A 230 11.26 16.11 9.65
CA GLY A 230 11.98 17.11 10.45
C GLY A 230 11.19 18.22 11.09
N GLN A 231 11.90 19.18 11.73
CA GLN A 231 11.35 20.34 12.42
C GLN A 231 11.68 21.66 11.68
N ALA B 2 8.71 -26.67 22.89
CA ALA B 2 7.46 -26.58 22.15
C ALA B 2 7.68 -26.36 20.64
N GLY B 3 6.71 -26.78 19.82
CA GLY B 3 6.76 -26.68 18.37
C GLY B 3 6.30 -25.32 17.87
N LYS B 4 7.05 -24.75 16.92
CA LYS B 4 6.72 -23.44 16.36
C LYS B 4 5.94 -23.55 15.05
N LYS B 5 5.01 -22.60 14.85
CA LYS B 5 4.16 -22.55 13.66
C LYS B 5 4.43 -21.25 12.92
N VAL B 6 4.72 -21.38 11.63
CA VAL B 6 5.07 -20.26 10.75
C VAL B 6 4.12 -20.16 9.57
N LEU B 7 3.65 -18.92 9.31
CA LEU B 7 2.88 -18.63 8.11
C LEU B 7 3.75 -17.71 7.24
N ILE B 8 3.93 -18.07 5.96
CA ILE B 8 4.65 -17.22 5.00
C ILE B 8 3.59 -16.65 4.02
N VAL B 9 3.42 -15.33 4.01
CA VAL B 9 2.49 -14.66 3.07
C VAL B 9 3.42 -14.17 1.95
N TYR B 10 3.33 -14.84 0.80
CA TYR B 10 4.20 -14.66 -0.35
C TYR B 10 3.51 -13.93 -1.50
N ALA B 11 4.16 -12.86 -2.02
CA ALA B 11 3.56 -12.08 -3.12
C ALA B 11 4.50 -11.86 -4.31
N HIS B 12 4.66 -12.89 -5.12
CA HIS B 12 5.44 -12.80 -6.36
C HIS B 12 4.80 -13.74 -7.40
N GLN B 13 4.69 -13.26 -8.63
CA GLN B 13 4.08 -13.96 -9.76
C GLN B 13 4.91 -15.13 -10.28
N GLU B 14 6.25 -15.08 -10.08
CA GLU B 14 7.19 -16.03 -10.68
C GLU B 14 7.92 -16.95 -9.69
N PRO B 15 7.71 -18.29 -9.77
CA PRO B 15 8.43 -19.21 -8.86
C PRO B 15 9.95 -19.21 -9.00
N LYS B 16 10.51 -18.87 -10.18
CA LYS B 16 11.97 -18.83 -10.40
C LYS B 16 12.59 -17.48 -10.02
N SER B 17 11.80 -16.56 -9.46
CA SER B 17 12.25 -15.24 -9.03
C SER B 17 13.16 -15.31 -7.81
N PHE B 18 13.82 -14.19 -7.50
CA PHE B 18 14.64 -14.05 -6.32
C PHE B 18 13.73 -14.16 -5.07
N ASN B 19 12.50 -13.59 -5.15
CA ASN B 19 11.51 -13.70 -4.07
C ASN B 19 11.13 -15.16 -3.87
N GLY B 20 10.92 -15.89 -4.98
CA GLY B 20 10.61 -17.32 -4.95
C GLY B 20 11.67 -18.12 -4.22
N SER B 21 12.96 -17.83 -4.51
CA SER B 21 14.11 -18.47 -3.87
C SER B 21 14.17 -18.15 -2.37
N LEU B 22 13.87 -16.90 -1.98
CA LEU B 22 13.86 -16.51 -0.56
C LEU B 22 12.75 -17.24 0.19
N LYS B 23 11.57 -17.38 -0.43
CA LYS B 23 10.42 -18.09 0.16
C LYS B 23 10.79 -19.60 0.31
N ASN B 24 11.38 -20.21 -0.74
CA ASN B 24 11.78 -21.62 -0.73
C ASN B 24 12.83 -21.92 0.30
N VAL B 25 13.79 -21.00 0.50
CA VAL B 25 14.86 -21.17 1.49
C VAL B 25 14.27 -21.07 2.91
N ALA B 26 13.24 -20.21 3.09
CA ALA B 26 12.53 -20.05 4.35
C ALA B 26 11.78 -21.34 4.68
N VAL B 27 11.02 -21.90 3.70
CA VAL B 27 10.29 -23.16 3.85
C VAL B 27 11.31 -24.27 4.19
N ASP B 28 12.41 -24.39 3.43
CA ASP B 28 13.43 -25.42 3.66
C ASP B 28 14.02 -25.35 5.06
N GLU B 29 14.49 -24.15 5.49
CA GLU B 29 15.16 -23.95 6.79
C GLU B 29 14.22 -24.18 8.00
N LEU B 30 13.03 -23.57 7.95
CA LEU B 30 12.05 -23.75 9.02
C LEU B 30 11.53 -25.20 9.10
N SER B 31 11.34 -25.84 7.93
CA SER B 31 10.94 -27.26 7.85
C SER B 31 12.03 -28.15 8.44
N ARG B 32 13.32 -27.89 8.13
CA ARG B 32 14.45 -28.64 8.65
C ARG B 32 14.51 -28.57 10.19
N GLN B 33 14.19 -27.39 10.75
CA GLN B 33 14.17 -27.16 12.20
C GLN B 33 13.02 -27.91 12.90
N GLY B 34 12.05 -28.37 12.11
CA GLY B 34 10.89 -29.09 12.64
C GLY B 34 9.68 -28.20 12.86
N CYS B 35 9.71 -26.95 12.33
CA CYS B 35 8.57 -26.02 12.41
C CYS B 35 7.43 -26.49 11.54
N THR B 36 6.21 -26.12 11.93
CA THR B 36 5.00 -26.33 11.14
C THR B 36 4.95 -25.11 10.20
N VAL B 37 4.95 -25.34 8.86
CA VAL B 37 5.03 -24.22 7.90
C VAL B 37 3.84 -24.23 6.95
N THR B 38 3.26 -23.04 6.71
CA THR B 38 2.19 -22.82 5.74
C THR B 38 2.57 -21.63 4.86
N VAL B 39 2.30 -21.72 3.56
CA VAL B 39 2.57 -20.62 2.63
C VAL B 39 1.25 -20.20 2.00
N SER B 40 0.96 -18.88 2.03
CA SER B 40 -0.19 -18.32 1.30
C SER B 40 0.43 -17.65 0.09
N ASP B 41 0.39 -18.34 -1.08
CA ASP B 41 0.97 -17.85 -2.33
C ASP B 41 -0.14 -17.05 -3.04
N LEU B 42 -0.21 -15.75 -2.75
CA LEU B 42 -1.30 -14.87 -3.16
C LEU B 42 -1.61 -14.89 -4.66
N TYR B 43 -0.60 -14.79 -5.53
CA TYR B 43 -0.89 -14.80 -6.98
C TYR B 43 -1.40 -16.17 -7.45
N ALA B 44 -0.83 -17.27 -6.93
CA ALA B 44 -1.25 -18.63 -7.31
C ALA B 44 -2.69 -18.90 -6.81
N MET B 45 -3.08 -18.29 -5.69
CA MET B 45 -4.43 -18.42 -5.13
C MET B 45 -5.42 -17.46 -5.85
N ASN B 46 -4.90 -16.53 -6.71
CA ASN B 46 -5.67 -15.44 -7.33
C ASN B 46 -6.45 -14.67 -6.22
N PHE B 47 -5.74 -14.42 -5.08
CA PHE B 47 -6.28 -13.75 -3.92
C PHE B 47 -6.95 -12.43 -4.29
N GLU B 48 -8.19 -12.26 -3.84
CA GLU B 48 -9.01 -11.07 -4.09
C GLU B 48 -8.48 -9.89 -3.26
N PRO B 49 -7.92 -8.84 -3.88
CA PRO B 49 -7.43 -7.72 -3.05
C PRO B 49 -8.50 -6.66 -2.73
N ARG B 50 -9.60 -6.59 -3.49
CA ARG B 50 -10.58 -5.51 -3.31
C ARG B 50 -11.47 -5.70 -2.08
N ALA B 51 -11.61 -4.63 -1.27
CA ALA B 51 -12.48 -4.63 -0.10
C ALA B 51 -13.89 -4.28 -0.61
N THR B 52 -14.78 -5.28 -0.78
CA THR B 52 -16.13 -5.01 -1.30
C THR B 52 -17.23 -5.64 -0.42
N ASP B 53 -18.52 -5.35 -0.73
CA ASP B 53 -19.69 -5.95 -0.08
C ASP B 53 -19.75 -7.47 -0.30
N LYS B 54 -18.97 -8.02 -1.26
CA LYS B 54 -18.92 -9.47 -1.49
C LYS B 54 -18.20 -10.18 -0.32
N ASP B 55 -17.50 -9.42 0.55
CA ASP B 55 -16.78 -9.98 1.69
C ASP B 55 -17.69 -10.39 2.85
N ILE B 56 -18.98 -10.02 2.77
CA ILE B 56 -20.04 -10.31 3.77
C ILE B 56 -21.07 -11.19 3.08
N THR B 57 -21.50 -12.26 3.74
CA THR B 57 -22.50 -13.19 3.20
C THR B 57 -23.93 -12.91 3.71
N GLY B 58 -24.05 -12.40 4.93
CA GLY B 58 -25.37 -12.17 5.53
C GLY B 58 -26.02 -10.82 5.33
N THR B 59 -27.10 -10.58 6.07
CA THR B 59 -27.84 -9.32 6.06
C THR B 59 -26.89 -8.21 6.47
N LEU B 60 -26.77 -7.19 5.63
CA LEU B 60 -25.89 -6.08 5.97
C LEU B 60 -26.48 -5.34 7.16
N SER B 61 -25.60 -4.85 8.04
CA SER B 61 -25.95 -4.08 9.23
C SER B 61 -26.67 -2.78 8.83
N ASN B 62 -26.24 -2.16 7.72
CA ASN B 62 -26.84 -0.94 7.14
C ASN B 62 -26.80 -1.09 5.59
N PRO B 63 -27.81 -1.72 4.96
CA PRO B 63 -27.74 -1.94 3.50
C PRO B 63 -27.97 -0.68 2.63
N GLU B 64 -28.30 0.49 3.23
CA GLU B 64 -28.51 1.74 2.50
C GLU B 64 -27.19 2.50 2.28
N VAL B 65 -26.31 2.51 3.31
CA VAL B 65 -25.00 3.16 3.26
C VAL B 65 -23.96 2.09 3.66
N PHE B 66 -23.18 1.61 2.67
CA PHE B 66 -22.19 0.56 2.90
C PHE B 66 -20.91 1.11 3.51
N ASN B 67 -20.59 0.66 4.73
CA ASN B 67 -19.37 1.04 5.44
C ASN B 67 -18.59 -0.26 5.63
N TYR B 68 -17.51 -0.45 4.85
CA TYR B 68 -16.70 -1.68 4.84
C TYR B 68 -16.24 -2.14 6.23
N GLY B 69 -15.61 -1.25 7.00
CA GLY B 69 -15.11 -1.57 8.34
C GLY B 69 -16.21 -2.00 9.32
N VAL B 70 -17.36 -1.30 9.29
CA VAL B 70 -18.50 -1.62 10.15
C VAL B 70 -19.07 -3.00 9.78
N GLU B 71 -19.28 -3.21 8.48
CA GLU B 71 -19.87 -4.43 7.95
C GLU B 71 -19.00 -5.67 8.17
N THR B 72 -17.67 -5.55 7.98
CA THR B 72 -16.76 -6.68 8.19
C THR B 72 -16.58 -6.97 9.67
N HIS B 73 -16.61 -5.96 10.54
CA HIS B 73 -16.53 -6.12 12.00
C HIS B 73 -17.75 -6.96 12.47
N GLU B 74 -18.96 -6.57 12.02
CA GLU B 74 -20.20 -7.28 12.36
C GLU B 74 -20.22 -8.70 11.76
N ALA B 75 -19.81 -8.85 10.47
CA ALA B 75 -19.73 -10.14 9.79
C ALA B 75 -18.70 -11.06 10.52
N TYR B 76 -17.56 -10.49 11.01
CA TYR B 76 -16.58 -11.29 11.75
C TYR B 76 -17.24 -11.91 12.99
N LYS B 77 -17.92 -11.06 13.79
CA LYS B 77 -18.60 -11.49 15.02
C LYS B 77 -19.72 -12.52 14.76
N GLN B 78 -20.45 -12.35 13.65
CA GLN B 78 -21.57 -13.21 13.28
C GLN B 78 -21.17 -14.48 12.50
N ARG B 79 -19.89 -14.55 12.05
CA ARG B 79 -19.32 -15.63 11.22
C ARG B 79 -20.00 -15.63 9.85
N SER B 80 -20.14 -14.45 9.25
CA SER B 80 -20.71 -14.32 7.92
C SER B 80 -19.71 -13.66 6.95
N LEU B 81 -18.40 -13.76 7.24
CA LEU B 81 -17.36 -13.22 6.35
C LEU B 81 -17.13 -14.22 5.24
N ALA B 82 -16.63 -13.77 4.08
CA ALA B 82 -16.30 -14.65 2.96
C ALA B 82 -15.22 -15.69 3.42
N SER B 83 -15.34 -16.94 2.95
CA SER B 83 -14.46 -18.04 3.33
C SER B 83 -12.98 -17.80 2.99
N ASP B 84 -12.66 -17.04 1.91
CA ASP B 84 -11.25 -16.74 1.58
C ASP B 84 -10.58 -15.91 2.71
N ILE B 85 -11.36 -15.00 3.34
CA ILE B 85 -10.88 -14.21 4.48
C ILE B 85 -10.67 -15.11 5.73
N THR B 86 -11.69 -15.89 6.10
CA THR B 86 -11.62 -16.74 7.29
C THR B 86 -10.54 -17.83 7.16
N ASP B 87 -10.26 -18.33 5.94
CA ASP B 87 -9.16 -19.30 5.71
C ASP B 87 -7.81 -18.65 6.08
N GLU B 88 -7.60 -17.37 5.69
CA GLU B 88 -6.37 -16.66 6.05
C GLU B 88 -6.29 -16.37 7.55
N GLN B 89 -7.43 -16.01 8.17
CA GLN B 89 -7.50 -15.71 9.60
C GLN B 89 -7.14 -16.93 10.44
N LYS B 90 -7.57 -18.13 10.00
CA LYS B 90 -7.21 -19.38 10.67
C LYS B 90 -5.69 -19.61 10.60
N LYS B 91 -5.06 -19.32 9.45
CA LYS B 91 -3.59 -19.46 9.31
C LYS B 91 -2.84 -18.49 10.23
N VAL B 92 -3.33 -17.26 10.33
CA VAL B 92 -2.75 -16.22 11.20
C VAL B 92 -2.91 -16.61 12.69
N ARG B 93 -4.14 -17.03 13.09
CA ARG B 93 -4.47 -17.42 14.47
C ARG B 93 -3.54 -18.55 14.97
N GLU B 94 -3.27 -19.53 14.10
CA GLU B 94 -2.38 -20.65 14.43
C GLU B 94 -0.89 -20.30 14.44
N ALA B 95 -0.47 -19.28 13.66
CA ALA B 95 0.94 -18.93 13.55
C ALA B 95 1.55 -18.28 14.80
N ASP B 96 2.83 -18.61 15.08
CA ASP B 96 3.63 -17.96 16.11
C ASP B 96 4.41 -16.84 15.42
N LEU B 97 4.71 -17.04 14.13
CA LEU B 97 5.47 -16.08 13.30
C LEU B 97 4.83 -15.98 11.91
N VAL B 98 4.67 -14.74 11.44
CA VAL B 98 4.18 -14.45 10.11
C VAL B 98 5.30 -13.74 9.35
N ILE B 99 5.78 -14.36 8.27
CA ILE B 99 6.80 -13.77 7.42
C ILE B 99 6.06 -13.26 6.15
N PHE B 100 6.34 -12.02 5.75
CA PHE B 100 5.81 -11.45 4.52
C PHE B 100 6.98 -11.39 3.55
N GLN B 101 6.88 -12.12 2.45
CA GLN B 101 7.93 -12.17 1.41
C GLN B 101 7.41 -11.47 0.17
N PHE B 102 8.04 -10.33 -0.17
CA PHE B 102 7.55 -9.55 -1.31
C PHE B 102 8.57 -8.62 -1.94
N PRO B 103 8.41 -8.31 -3.26
CA PRO B 103 9.20 -7.22 -3.86
C PRO B 103 8.56 -5.89 -3.43
N LEU B 104 9.40 -4.88 -3.20
CA LEU B 104 8.89 -3.57 -2.84
C LEU B 104 8.22 -2.95 -4.10
N TYR B 105 6.97 -2.52 -3.96
CA TYR B 105 6.22 -1.86 -5.04
C TYR B 105 5.82 -0.50 -4.50
N TRP B 106 6.35 0.58 -5.11
CA TRP B 106 6.04 1.95 -4.73
C TRP B 106 6.24 2.18 -3.21
N PHE B 107 7.43 1.79 -2.70
CA PHE B 107 7.84 1.95 -1.29
C PHE B 107 6.85 1.24 -0.33
N SER B 108 6.13 0.21 -0.86
CA SER B 108 5.13 -0.51 -0.09
C SER B 108 5.01 -1.97 -0.58
N VAL B 109 3.93 -2.65 -0.19
CA VAL B 109 3.65 -3.99 -0.60
C VAL B 109 2.93 -3.96 -1.97
N PRO B 110 3.09 -5.02 -2.81
CA PRO B 110 2.25 -5.12 -4.02
C PRO B 110 0.76 -5.09 -3.61
N ALA B 111 -0.11 -4.55 -4.47
CA ALA B 111 -1.54 -4.44 -4.17
C ALA B 111 -2.22 -5.73 -3.73
N ILE B 112 -1.80 -6.90 -4.28
CA ILE B 112 -2.38 -8.18 -3.88
C ILE B 112 -2.17 -8.45 -2.36
N LEU B 113 -0.98 -8.08 -1.86
CA LEU B 113 -0.62 -8.20 -0.46
C LEU B 113 -1.27 -7.08 0.36
N LYS B 114 -1.39 -5.86 -0.21
CA LYS B 114 -2.11 -4.80 0.47
C LYS B 114 -3.57 -5.26 0.72
N GLY B 115 -4.14 -5.99 -0.25
CA GLY B 115 -5.51 -6.52 -0.17
C GLY B 115 -5.65 -7.56 0.92
N TRP B 116 -4.63 -8.40 1.08
CA TRP B 116 -4.57 -9.39 2.15
C TRP B 116 -4.62 -8.62 3.49
N MET B 117 -3.81 -7.58 3.66
CA MET B 117 -3.81 -6.81 4.90
C MET B 117 -5.20 -6.16 5.16
N ASP B 118 -5.77 -5.51 4.14
CA ASP B 118 -7.05 -4.80 4.25
C ASP B 118 -8.22 -5.74 4.62
N ARG B 119 -8.26 -6.92 4.01
CA ARG B 119 -9.37 -7.85 4.15
C ARG B 119 -9.22 -8.87 5.31
N VAL B 120 -8.00 -9.37 5.54
CA VAL B 120 -7.74 -10.40 6.57
C VAL B 120 -7.67 -9.79 7.97
N LEU B 121 -6.99 -8.64 8.12
CA LEU B 121 -6.79 -8.00 9.42
C LEU B 121 -7.99 -7.10 9.82
N CYS B 122 -9.17 -7.72 9.92
CA CYS B 122 -10.38 -6.96 10.20
C CYS B 122 -10.60 -6.68 11.67
N GLN B 123 -11.45 -5.69 11.92
CA GLN B 123 -11.85 -5.30 13.25
C GLN B 123 -12.58 -6.51 13.89
N GLY B 124 -12.24 -6.82 15.13
CA GLY B 124 -12.76 -7.97 15.85
C GLY B 124 -11.79 -9.13 15.83
N PHE B 125 -11.01 -9.28 14.71
CA PHE B 125 -10.02 -10.33 14.56
C PHE B 125 -8.62 -9.86 14.97
N ALA B 126 -8.12 -8.79 14.31
CA ALA B 126 -6.75 -8.31 14.52
C ALA B 126 -6.61 -7.17 15.51
N PHE B 127 -7.67 -6.40 15.67
CA PHE B 127 -7.69 -5.27 16.60
C PHE B 127 -9.15 -5.00 16.97
N ASP B 128 -9.33 -4.16 17.95
CA ASP B 128 -10.62 -3.65 18.40
C ASP B 128 -10.36 -2.20 18.75
N ILE B 129 -11.42 -1.39 18.85
CA ILE B 129 -11.34 0.03 19.23
C ILE B 129 -12.07 0.13 20.58
N PRO B 130 -11.40 0.04 21.75
CA PRO B 130 -9.96 -0.09 21.98
C PRO B 130 -9.50 -1.54 21.89
N GLY B 131 -8.19 -1.73 21.80
CA GLY B 131 -7.54 -3.01 21.62
C GLY B 131 -6.62 -2.96 20.41
N PHE B 132 -5.62 -2.07 20.48
CA PHE B 132 -4.64 -1.86 19.42
C PHE B 132 -3.27 -1.51 19.99
N TYR B 133 -2.24 -1.51 19.11
CA TYR B 133 -0.84 -1.33 19.46
C TYR B 133 -0.45 -2.40 20.50
N ASP B 134 -0.03 -2.04 21.73
CA ASP B 134 0.34 -3.05 22.73
C ASP B 134 -0.88 -3.89 23.20
N SER B 135 -2.12 -3.41 22.95
CA SER B 135 -3.36 -4.13 23.28
C SER B 135 -4.01 -4.83 22.04
N GLY B 136 -3.29 -4.84 20.90
CA GLY B 136 -3.75 -5.50 19.68
C GLY B 136 -4.12 -6.94 19.92
N LEU B 137 -5.11 -7.45 19.17
CA LEU B 137 -5.61 -8.82 19.37
C LEU B 137 -4.65 -9.92 18.93
N LEU B 138 -3.60 -9.56 18.17
CA LEU B 138 -2.62 -10.57 17.73
C LEU B 138 -1.36 -10.55 18.61
N GLN B 139 -1.48 -9.99 19.84
CA GLN B 139 -0.38 -9.96 20.83
C GLN B 139 0.17 -11.35 21.10
N GLY B 140 1.49 -11.45 21.22
CA GLY B 140 2.17 -12.71 21.42
C GLY B 140 2.76 -13.25 20.12
N LYS B 141 2.26 -12.77 18.96
CA LYS B 141 2.75 -13.19 17.64
C LYS B 141 3.88 -12.34 17.16
N LEU B 142 4.74 -12.94 16.33
CA LEU B 142 5.87 -12.25 15.72
C LEU B 142 5.58 -12.04 14.23
N ALA B 143 6.06 -10.94 13.67
CA ALA B 143 5.95 -10.65 12.25
C ALA B 143 7.31 -10.19 11.77
N LEU B 144 7.60 -10.47 10.50
CA LEU B 144 8.88 -10.15 9.89
C LEU B 144 8.63 -9.82 8.42
N LEU B 145 9.15 -8.67 7.97
CA LEU B 145 9.07 -8.26 6.57
C LEU B 145 10.37 -8.64 5.83
N SER B 146 10.26 -9.49 4.81
CA SER B 146 11.38 -9.88 3.97
C SER B 146 11.10 -9.26 2.61
N VAL B 147 11.81 -8.16 2.34
CA VAL B 147 11.64 -7.28 1.19
C VAL B 147 12.82 -7.34 0.22
N THR B 148 12.54 -7.28 -1.10
CA THR B 148 13.55 -7.14 -2.15
C THR B 148 13.29 -5.77 -2.80
N THR B 149 14.36 -5.10 -3.27
CA THR B 149 14.18 -3.79 -3.91
C THR B 149 14.82 -3.74 -5.30
N GLY B 150 14.43 -2.72 -6.08
CA GLY B 150 15.08 -2.40 -7.34
C GLY B 150 16.26 -1.50 -7.03
N GLY B 151 16.05 -0.55 -6.10
CA GLY B 151 17.06 0.42 -5.66
C GLY B 151 18.18 -0.19 -4.83
N THR B 152 19.40 0.38 -4.94
CA THR B 152 20.55 -0.11 -4.18
C THR B 152 20.48 0.34 -2.72
N ALA B 153 21.30 -0.28 -1.85
CA ALA B 153 21.42 0.07 -0.43
C ALA B 153 21.79 1.56 -0.26
N GLU B 154 22.75 2.06 -1.08
CA GLU B 154 23.21 3.47 -1.09
C GLU B 154 22.05 4.45 -1.34
N MET B 155 21.10 4.10 -2.23
CA MET B 155 19.92 4.94 -2.50
C MET B 155 19.00 5.02 -1.30
N TYR B 156 18.95 3.92 -0.51
CA TYR B 156 18.15 3.81 0.69
C TYR B 156 18.91 4.20 1.97
N THR B 157 19.61 5.34 1.91
CA THR B 157 20.33 5.89 3.07
C THR B 157 19.72 7.27 3.34
N LYS B 158 19.94 7.80 4.56
CA LYS B 158 19.45 9.11 4.99
C LYS B 158 19.73 10.20 3.94
N THR B 159 20.95 10.17 3.36
CA THR B 159 21.39 11.14 2.35
C THR B 159 21.19 10.64 0.91
N GLY B 160 20.67 9.42 0.77
CA GLY B 160 20.35 8.81 -0.52
C GLY B 160 19.08 9.42 -1.10
N VAL B 161 18.88 9.26 -2.40
CA VAL B 161 17.73 9.84 -3.10
C VAL B 161 16.36 9.25 -2.61
N ASN B 162 16.35 8.00 -2.12
CA ASN B 162 15.14 7.34 -1.62
C ASN B 162 14.90 7.52 -0.11
N GLY B 163 15.89 8.08 0.60
CA GLY B 163 15.84 8.22 2.04
C GLY B 163 16.11 6.87 2.70
N ASP B 164 16.26 6.85 4.03
CA ASP B 164 16.52 5.61 4.78
C ASP B 164 15.44 4.55 4.51
N SER B 165 15.84 3.26 4.38
CA SER B 165 14.86 2.18 4.16
C SER B 165 13.83 2.09 5.28
N ARG B 166 14.23 2.47 6.52
CA ARG B 166 13.32 2.46 7.68
C ARG B 166 12.11 3.41 7.48
N TYR B 167 12.27 4.49 6.67
CA TYR B 167 11.20 5.43 6.41
C TYR B 167 10.00 4.75 5.75
N PHE B 168 10.22 3.86 4.75
CA PHE B 168 9.08 3.22 4.07
C PHE B 168 8.49 2.05 4.91
N LEU B 169 9.22 1.60 5.94
CA LEU B 169 8.74 0.50 6.78
C LEU B 169 7.63 0.90 7.76
N TRP B 170 7.53 2.22 8.09
CA TRP B 170 6.59 2.77 9.06
C TRP B 170 5.12 2.33 8.86
N PRO B 171 4.46 2.52 7.68
CA PRO B 171 3.05 2.09 7.55
C PRO B 171 2.83 0.58 7.75
N LEU B 172 3.81 -0.24 7.34
CA LEU B 172 3.71 -1.70 7.46
C LEU B 172 4.02 -2.19 8.87
N GLN B 173 5.22 -1.85 9.39
CA GLN B 173 5.63 -2.27 10.73
C GLN B 173 4.80 -1.65 11.85
N HIS B 174 4.60 -0.32 11.81
CA HIS B 174 3.90 0.37 12.89
C HIS B 174 2.40 0.48 12.68
N GLY B 175 2.01 1.11 11.56
CA GLY B 175 0.60 1.32 11.24
C GLY B 175 -0.21 0.05 11.10
N THR B 176 0.43 -1.05 10.68
CA THR B 176 -0.28 -2.31 10.46
C THR B 176 0.05 -3.38 11.53
N LEU B 177 1.26 -3.91 11.50
CA LEU B 177 1.67 -5.03 12.36
C LEU B 177 1.67 -4.67 13.85
N HIS B 178 2.35 -3.58 14.26
CA HIS B 178 2.38 -3.16 15.67
C HIS B 178 0.93 -2.85 16.14
N PHE B 179 0.14 -2.19 15.28
CA PHE B 179 -1.26 -1.83 15.57
C PHE B 179 -2.09 -3.04 15.93
N CYS B 180 -1.89 -4.16 15.22
CA CYS B 180 -2.58 -5.42 15.49
C CYS B 180 -1.99 -6.20 16.67
N GLY B 181 -0.94 -5.66 17.29
CA GLY B 181 -0.34 -6.30 18.45
C GLY B 181 0.87 -7.18 18.20
N PHE B 182 1.30 -7.30 16.94
CA PHE B 182 2.47 -8.11 16.66
C PHE B 182 3.72 -7.46 17.25
N LYS B 183 4.68 -8.30 17.62
CA LYS B 183 6.01 -7.88 17.98
C LYS B 183 6.71 -8.01 16.62
N VAL B 184 7.44 -6.96 16.20
CA VAL B 184 8.07 -6.93 14.89
C VAL B 184 9.56 -7.27 14.99
N LEU B 185 9.98 -8.28 14.24
CA LEU B 185 11.40 -8.65 14.15
C LEU B 185 12.05 -7.73 13.11
N ALA B 186 13.38 -7.51 13.22
CA ALA B 186 14.13 -6.68 12.29
C ALA B 186 13.86 -7.11 10.83
N PRO B 187 13.60 -6.16 9.92
CA PRO B 187 13.28 -6.56 8.54
C PRO B 187 14.46 -7.19 7.83
N GLN B 188 14.18 -8.04 6.85
CA GLN B 188 15.23 -8.60 6.01
C GLN B 188 15.12 -7.84 4.71
N ILE B 189 16.13 -7.04 4.36
CA ILE B 189 16.06 -6.31 3.10
C ILE B 189 17.14 -6.81 2.16
N SER B 190 16.72 -7.36 1.02
CA SER B 190 17.63 -7.85 -0.01
C SER B 190 17.68 -6.78 -1.12
N PHE B 191 18.70 -5.90 -1.05
CA PHE B 191 18.82 -4.78 -2.01
C PHE B 191 19.26 -5.17 -3.40
N ALA B 192 18.54 -4.64 -4.39
CA ALA B 192 18.81 -4.71 -5.83
C ALA B 192 19.36 -6.06 -6.33
N PRO B 193 18.63 -7.22 -6.17
CA PRO B 193 19.18 -8.48 -6.70
C PRO B 193 19.37 -8.48 -8.22
N GLU B 194 18.56 -7.68 -8.97
CA GLU B 194 18.65 -7.57 -10.43
C GLU B 194 19.99 -7.01 -10.91
N ILE B 195 20.61 -6.11 -10.12
CA ILE B 195 21.92 -5.50 -10.42
C ILE B 195 23.06 -6.40 -9.92
N ALA B 196 22.89 -6.99 -8.73
CA ALA B 196 23.88 -7.84 -8.06
C ALA B 196 24.41 -8.99 -8.93
N SER B 197 25.68 -9.37 -8.71
CA SER B 197 26.33 -10.50 -9.40
C SER B 197 25.71 -11.81 -8.89
N GLU B 198 26.00 -12.94 -9.58
CA GLU B 198 25.52 -14.28 -9.20
C GLU B 198 25.96 -14.62 -7.78
N GLU B 199 27.22 -14.26 -7.42
CA GLU B 199 27.83 -14.47 -6.10
C GLU B 199 27.11 -13.65 -5.01
N GLU B 200 26.86 -12.35 -5.29
CA GLU B 200 26.17 -11.43 -4.38
C GLU B 200 24.72 -11.89 -4.13
N ARG B 201 24.05 -12.42 -5.20
CA ARG B 201 22.68 -12.95 -5.13
C ARG B 201 22.62 -14.19 -4.25
N LYS B 202 23.56 -15.13 -4.44
CA LYS B 202 23.67 -16.35 -3.64
C LYS B 202 23.95 -16.00 -2.17
N GLY B 203 24.77 -14.96 -1.97
CA GLY B 203 25.11 -14.43 -0.66
C GLY B 203 23.91 -13.91 0.10
N MET B 204 23.03 -13.14 -0.58
CA MET B 204 21.79 -12.61 0.02
C MET B 204 20.83 -13.75 0.41
N VAL B 205 20.73 -14.81 -0.43
CA VAL B 205 19.90 -16.00 -0.15
C VAL B 205 20.47 -16.76 1.09
N ALA B 206 21.80 -16.94 1.14
CA ALA B 206 22.49 -17.62 2.23
C ALA B 206 22.41 -16.84 3.54
N ALA B 207 22.48 -15.50 3.50
CA ALA B 207 22.34 -14.64 4.69
C ALA B 207 20.92 -14.82 5.29
N TRP B 208 19.89 -14.93 4.44
CA TRP B 208 18.50 -15.15 4.86
C TRP B 208 18.34 -16.53 5.51
N SER B 209 18.86 -17.59 4.85
CA SER B 209 18.86 -18.95 5.38
C SER B 209 19.58 -18.99 6.75
N GLN B 210 20.78 -18.38 6.83
CA GLN B 210 21.60 -18.32 8.05
C GLN B 210 20.88 -17.61 9.18
N ARG B 211 20.22 -16.46 8.89
CA ARG B 211 19.45 -15.73 9.88
C ARG B 211 18.29 -16.59 10.44
N LEU B 212 17.59 -17.31 9.56
CA LEU B 212 16.47 -18.16 9.96
C LEU B 212 16.86 -19.28 10.93
N GLN B 213 18.13 -19.71 10.88
CA GLN B 213 18.66 -20.74 11.81
C GLN B 213 18.52 -20.29 13.28
N THR B 214 18.64 -18.98 13.53
CA THR B 214 18.58 -18.42 14.89
C THR B 214 17.39 -17.46 15.11
N ILE B 215 16.34 -17.52 14.25
CA ILE B 215 15.19 -16.61 14.33
C ILE B 215 14.43 -16.65 15.68
N TRP B 216 14.33 -17.83 16.32
CA TRP B 216 13.60 -17.98 17.57
C TRP B 216 14.35 -17.39 18.78
N LYS B 217 15.60 -16.98 18.59
CA LYS B 217 16.45 -16.37 19.62
C LYS B 217 16.42 -14.84 19.53
N GLU B 218 15.89 -14.29 18.44
CA GLU B 218 15.87 -12.84 18.24
C GLU B 218 14.87 -12.14 19.13
N GLU B 219 15.19 -10.89 19.43
CA GLU B 219 14.33 -9.98 20.17
C GLU B 219 13.65 -9.07 19.14
N PRO B 220 12.42 -8.60 19.38
CA PRO B 220 11.78 -7.67 18.44
C PRO B 220 12.42 -6.28 18.51
N ILE B 221 12.23 -5.48 17.46
CA ILE B 221 12.72 -4.11 17.41
C ILE B 221 11.81 -3.23 18.31
N PRO B 222 12.29 -2.07 18.81
CA PRO B 222 11.35 -1.14 19.47
C PRO B 222 10.62 -0.46 18.31
N CYS B 223 9.37 -0.85 18.03
CA CYS B 223 8.64 -0.31 16.87
C CYS B 223 8.07 1.08 17.18
N THR B 224 8.96 2.08 17.18
CA THR B 224 8.66 3.45 17.55
C THR B 224 9.04 4.42 16.45
N ALA B 225 8.57 5.68 16.55
CA ALA B 225 8.96 6.74 15.62
C ALA B 225 10.49 6.95 15.67
N HIS B 226 11.10 6.83 16.87
CA HIS B 226 12.55 7.01 17.02
C HIS B 226 13.34 5.95 16.24
N TRP B 227 12.94 4.66 16.31
CA TRP B 227 13.62 3.60 15.56
C TRP B 227 13.56 3.88 14.04
N HIS B 228 12.38 4.29 13.55
CA HIS B 228 12.19 4.50 12.12
C HIS B 228 12.79 5.80 11.60
N PHE B 229 12.72 6.90 12.39
CA PHE B 229 13.08 8.25 11.92
C PHE B 229 14.21 8.98 12.65
N GLY B 230 14.71 8.42 13.74
CA GLY B 230 15.81 9.03 14.50
C GLY B 230 15.39 10.23 15.32
N GLN B 231 16.35 11.19 15.50
CA GLN B 231 16.28 12.49 16.19
C GLN B 231 16.08 12.39 17.72
#